data_5CB0
#
_entry.id   5CB0
#
_cell.length_a   121.134
_cell.length_b   121.134
_cell.length_c   241.745
_cell.angle_alpha   90.00
_cell.angle_beta   90.00
_cell.angle_gamma   90.00
#
_symmetry.space_group_name_H-M   'I 41 2 2'
#
loop_
_entity.id
_entity.type
_entity.pdbx_description
1 polymer 'Universal stress protein E'
2 non-polymer '3-oxotetradecanoic acid'
#
_entity_poly.entity_id   1
_entity_poly.type   'polypeptide(L)'
_entity_poly.pdbx_seq_one_letter_code
;MAMYQNMLVVIDPNQDDQPALRRAVYLHQRIGGKIKAFLPIYDFSYEMTTLLSPDERTAMRQGVISQRTAWIHEQAKYYL
NAGVPIEIKVVWHNRPFEAIIQEVISGGHDLVLKMAHQHDRLEAVIFTPTDWHLLRKCPSPVWMVKDQPWPEGGKALVAV
NLASEEPYHNALNEKLVKETIELAEQVNHTEVHLVGAYPVTPINIAIELPEFDPSVYNDAIRGQHLLAMKALRQKFGINE
NMTHVEKGLPEEVIPDLAEHLQAGIVVLGTVGRTGISAAFLGNTAEQVIDHLRCDLLVIKPDQYQTPVELDDEEDD
;
_entity_poly.pdbx_strand_id   A,B
#
# COMPACT_ATOMS: atom_id res chain seq x y z
N MET A 3 -8.64 -29.00 5.18
CA MET A 3 -7.47 -28.72 4.37
C MET A 3 -7.81 -27.85 3.16
N TYR A 4 -7.85 -26.54 3.38
CA TYR A 4 -8.15 -25.55 2.35
C TYR A 4 -9.39 -25.87 1.51
N GLN A 5 -10.54 -26.04 2.14
CA GLN A 5 -11.72 -26.48 1.42
C GLN A 5 -12.91 -25.55 1.61
N ASN A 6 -12.63 -24.27 1.81
CA ASN A 6 -13.67 -23.26 1.78
C ASN A 6 -13.12 -21.91 1.36
N MET A 7 -12.95 -21.74 0.06
CA MET A 7 -12.27 -20.57 -0.47
C MET A 7 -13.18 -19.35 -0.59
N LEU A 8 -12.61 -18.19 -0.30
CA LEU A 8 -13.28 -16.92 -0.50
C LEU A 8 -12.56 -16.15 -1.59
N VAL A 9 -13.24 -15.91 -2.69
CA VAL A 9 -12.61 -15.24 -3.83
C VAL A 9 -13.03 -13.77 -3.89
N VAL A 10 -12.06 -12.86 -3.85
CA VAL A 10 -12.38 -11.45 -3.93
C VAL A 10 -12.48 -10.99 -5.39
N ILE A 11 -13.63 -10.43 -5.75
CA ILE A 11 -13.90 -10.02 -7.12
C ILE A 11 -13.50 -8.57 -7.39
N ASP A 12 -12.73 -8.37 -8.45
CA ASP A 12 -12.36 -7.03 -8.91
C ASP A 12 -13.43 -6.46 -9.86
N PRO A 13 -14.13 -5.40 -9.42
CA PRO A 13 -15.24 -4.82 -10.19
C PRO A 13 -14.79 -3.87 -11.30
N ASN A 14 -13.50 -3.80 -11.57
CA ASN A 14 -12.98 -2.86 -12.56
C ASN A 14 -12.54 -3.55 -13.83
N GLN A 15 -12.57 -4.88 -13.84
CA GLN A 15 -12.24 -5.63 -15.03
C GLN A 15 -13.11 -6.88 -15.14
N ASP A 16 -12.97 -7.62 -16.23
CA ASP A 16 -13.82 -8.78 -16.46
C ASP A 16 -13.13 -10.07 -16.08
N ASP A 17 -11.87 -10.22 -16.47
CA ASP A 17 -11.11 -11.40 -16.11
C ASP A 17 -10.81 -11.38 -14.61
N GLN A 18 -11.17 -12.46 -13.93
CA GLN A 18 -10.91 -12.59 -12.50
C GLN A 18 -9.98 -13.76 -12.25
N PRO A 19 -8.67 -13.51 -12.28
CA PRO A 19 -7.64 -14.55 -12.10
C PRO A 19 -7.77 -15.25 -10.76
N ALA A 20 -8.32 -14.56 -9.77
CA ALA A 20 -8.56 -15.16 -8.46
C ALA A 20 -9.56 -16.29 -8.60
N LEU A 21 -10.61 -16.05 -9.36
CA LEU A 21 -11.63 -17.06 -9.61
C LEU A 21 -11.05 -18.24 -10.36
N ARG A 22 -10.30 -17.96 -11.41
CA ARG A 22 -9.68 -19.01 -12.22
C ARG A 22 -8.75 -19.87 -11.38
N ARG A 23 -7.97 -19.22 -10.52
CA ARG A 23 -7.02 -19.92 -9.66
C ARG A 23 -7.78 -20.77 -8.67
N ALA A 24 -8.90 -20.22 -8.18
CA ALA A 24 -9.76 -20.93 -7.25
C ALA A 24 -10.29 -22.20 -7.89
N VAL A 25 -10.69 -22.09 -9.15
CA VAL A 25 -11.20 -23.24 -9.90
C VAL A 25 -10.10 -24.28 -10.09
N TYR A 26 -8.93 -23.84 -10.55
CA TYR A 26 -7.79 -24.73 -10.72
C TYR A 26 -7.54 -25.50 -9.43
N LEU A 27 -7.57 -24.78 -8.31
CA LEU A 27 -7.39 -25.41 -7.02
C LEU A 27 -8.50 -26.42 -6.75
N HIS A 28 -9.73 -26.02 -7.02
CA HIS A 28 -10.88 -26.87 -6.77
C HIS A 28 -10.79 -28.15 -7.57
N GLN A 29 -10.09 -28.10 -8.71
CA GLN A 29 -10.01 -29.27 -9.58
C GLN A 29 -9.01 -30.29 -9.02
N ARG A 30 -8.24 -29.88 -8.02
CA ARG A 30 -7.14 -30.72 -7.54
C ARG A 30 -7.27 -31.06 -6.05
N ILE A 31 -7.88 -30.13 -5.32
CA ILE A 31 -8.07 -30.25 -3.88
C ILE A 31 -9.55 -30.22 -3.50
N GLY A 32 -10.34 -29.47 -4.24
CA GLY A 32 -11.77 -29.39 -3.96
C GLY A 32 -12.16 -28.23 -3.05
N GLY A 33 -13.29 -28.39 -2.37
CA GLY A 33 -13.77 -27.43 -1.40
C GLY A 33 -14.83 -26.50 -1.93
N LYS A 34 -15.18 -25.48 -1.14
CA LYS A 34 -16.19 -24.53 -1.59
C LYS A 34 -15.52 -23.35 -2.24
N ILE A 35 -16.29 -22.58 -2.99
CA ILE A 35 -15.82 -21.36 -3.61
C ILE A 35 -16.89 -20.29 -3.45
N LYS A 36 -16.50 -19.13 -2.92
CA LYS A 36 -17.47 -18.05 -2.77
C LYS A 36 -17.02 -16.76 -3.46
N ALA A 37 -17.64 -16.45 -4.60
CA ALA A 37 -17.35 -15.19 -5.28
C ALA A 37 -17.94 -14.04 -4.48
N PHE A 38 -17.06 -13.31 -3.81
CA PHE A 38 -17.45 -12.23 -2.93
C PHE A 38 -17.07 -10.89 -3.53
N LEU A 39 -17.92 -9.89 -3.31
CA LEU A 39 -17.68 -8.55 -3.82
C LEU A 39 -18.42 -7.49 -3.03
N PRO A 40 -17.68 -6.69 -2.26
CA PRO A 40 -18.29 -5.53 -1.61
C PRO A 40 -18.48 -4.40 -2.60
N ILE A 41 -19.71 -3.91 -2.74
CA ILE A 41 -19.99 -2.85 -3.70
C ILE A 41 -20.63 -1.67 -3.00
N TYR A 42 -20.49 -0.49 -3.61
CA TYR A 42 -21.00 0.72 -3.00
C TYR A 42 -21.12 1.85 -4.01
N ASP A 43 -22.16 2.66 -3.88
CA ASP A 43 -22.29 3.85 -4.71
C ASP A 43 -22.54 5.06 -3.82
N PHE A 44 -21.99 6.21 -4.23
CA PHE A 44 -22.07 7.44 -3.46
C PHE A 44 -23.51 7.96 -3.35
N SER A 45 -24.36 7.44 -4.22
CA SER A 45 -25.76 7.83 -4.29
C SER A 45 -26.55 7.53 -3.03
N TYR A 46 -26.09 6.56 -2.24
CA TYR A 46 -26.86 6.08 -1.10
C TYR A 46 -26.99 7.04 0.10
N GLU A 47 -26.04 7.95 0.29
CA GLU A 47 -26.14 8.88 1.42
C GLU A 47 -26.54 10.31 1.05
N MET A 48 -26.54 10.67 -0.23
CA MET A 48 -27.03 12.00 -0.56
C MET A 48 -28.53 11.99 -0.26
N THR A 49 -28.84 12.16 1.03
CA THR A 49 -30.20 12.12 1.54
C THR A 49 -31.02 13.33 1.11
N THR A 50 -30.30 14.43 0.85
CA THR A 50 -30.93 15.68 0.43
C THR A 50 -31.50 15.57 -0.97
N LEU A 51 -31.25 14.44 -1.62
CA LEU A 51 -31.59 14.27 -3.02
C LEU A 51 -32.64 13.18 -3.18
N LEU A 52 -32.38 12.04 -2.56
CA LEU A 52 -33.31 10.92 -2.64
C LEU A 52 -33.77 10.40 -1.28
N SER A 53 -35.09 10.40 -1.10
CA SER A 53 -35.74 9.77 0.03
C SER A 53 -35.44 8.26 -0.02
N PRO A 54 -35.45 7.58 1.14
CA PRO A 54 -35.15 6.14 1.26
C PRO A 54 -35.70 5.24 0.16
N ASP A 55 -36.88 5.54 -0.37
CA ASP A 55 -37.46 4.69 -1.41
C ASP A 55 -36.50 4.58 -2.60
N GLU A 56 -36.14 5.72 -3.18
CA GLU A 56 -35.26 5.74 -4.34
C GLU A 56 -33.86 5.21 -4.04
N ARG A 57 -33.29 5.64 -2.91
CA ARG A 57 -31.93 5.24 -2.55
C ARG A 57 -31.78 3.74 -2.25
N THR A 58 -32.69 3.13 -1.49
CA THR A 58 -32.62 1.69 -1.26
C THR A 58 -33.01 0.87 -2.48
N ALA A 59 -33.95 1.39 -3.28
CA ALA A 59 -34.32 0.70 -4.50
C ALA A 59 -33.06 0.58 -5.36
N MET A 60 -32.29 1.66 -5.41
CA MET A 60 -31.04 1.63 -6.14
C MET A 60 -29.95 0.82 -5.42
N ARG A 61 -29.96 0.80 -4.09
CA ARG A 61 -29.01 -0.02 -3.34
C ARG A 61 -29.12 -1.49 -3.74
N GLN A 62 -30.33 -2.03 -3.67
CA GLN A 62 -30.54 -3.40 -4.14
C GLN A 62 -30.39 -3.50 -5.65
N GLY A 63 -30.58 -2.37 -6.33
CA GLY A 63 -30.54 -2.34 -7.78
C GLY A 63 -29.13 -2.46 -8.33
N VAL A 64 -28.12 -2.14 -7.52
CA VAL A 64 -26.72 -2.38 -7.89
C VAL A 64 -26.35 -3.82 -7.62
N ILE A 65 -26.66 -4.26 -6.41
CA ILE A 65 -26.37 -5.60 -5.94
C ILE A 65 -26.88 -6.65 -6.90
N SER A 66 -28.14 -6.52 -7.30
CA SER A 66 -28.72 -7.48 -8.23
C SER A 66 -27.97 -7.56 -9.56
N GLN A 67 -27.70 -6.40 -10.17
CA GLN A 67 -27.08 -6.42 -11.49
C GLN A 67 -25.61 -6.84 -11.43
N ARG A 68 -24.90 -6.51 -10.36
CA ARG A 68 -23.50 -6.89 -10.29
C ARG A 68 -23.40 -8.37 -9.95
N THR A 69 -24.42 -8.90 -9.27
CA THR A 69 -24.48 -10.33 -9.02
C THR A 69 -24.72 -11.02 -10.36
N ALA A 70 -25.58 -10.40 -11.17
CA ALA A 70 -25.81 -10.87 -12.53
C ALA A 70 -24.52 -10.87 -13.33
N TRP A 71 -23.71 -9.83 -13.13
CA TRP A 71 -22.43 -9.66 -13.81
C TRP A 71 -21.49 -10.80 -13.46
N ILE A 72 -21.37 -11.07 -12.16
CA ILE A 72 -20.50 -12.13 -11.70
C ILE A 72 -20.99 -13.47 -12.23
N HIS A 73 -22.30 -13.60 -12.39
CA HIS A 73 -22.84 -14.82 -12.97
C HIS A 73 -22.43 -14.92 -14.43
N GLU A 74 -22.51 -13.80 -15.15
CA GLU A 74 -22.18 -13.77 -16.57
C GLU A 74 -20.68 -13.96 -16.78
N GLN A 75 -19.91 -13.89 -15.70
CA GLN A 75 -18.47 -14.05 -15.81
C GLN A 75 -18.01 -15.37 -15.17
N ALA A 76 -18.94 -16.07 -14.54
CA ALA A 76 -18.66 -17.37 -13.95
C ALA A 76 -19.49 -18.44 -14.65
N LYS A 77 -20.16 -18.02 -15.71
CA LYS A 77 -21.12 -18.85 -16.42
C LYS A 77 -20.55 -20.14 -17.00
N TYR A 78 -19.38 -20.07 -17.63
CA TYR A 78 -18.78 -21.26 -18.21
C TYR A 78 -18.40 -22.27 -17.12
N TYR A 79 -18.02 -21.76 -15.95
CA TYR A 79 -17.64 -22.61 -14.83
C TYR A 79 -18.87 -23.25 -14.21
N LEU A 80 -19.91 -22.44 -14.08
CA LEU A 80 -21.18 -22.88 -13.49
C LEU A 80 -21.81 -23.96 -14.37
N ASN A 81 -21.93 -23.65 -15.65
CA ASN A 81 -22.46 -24.57 -16.64
C ASN A 81 -21.62 -25.84 -16.70
N ALA A 82 -20.31 -25.71 -16.48
CA ALA A 82 -19.45 -26.89 -16.46
C ALA A 82 -19.60 -27.66 -15.15
N GLY A 83 -20.18 -27.01 -14.15
CA GLY A 83 -20.52 -27.70 -12.91
C GLY A 83 -19.64 -27.35 -11.73
N VAL A 84 -19.13 -26.12 -11.68
CA VAL A 84 -18.34 -25.69 -10.54
C VAL A 84 -19.23 -25.06 -9.47
N PRO A 85 -19.18 -25.60 -8.24
CA PRO A 85 -20.00 -25.11 -7.12
C PRO A 85 -19.57 -23.74 -6.61
N ILE A 86 -19.99 -22.69 -7.31
CA ILE A 86 -19.64 -21.33 -6.93
C ILE A 86 -20.82 -20.54 -6.36
N GLU A 87 -20.70 -20.10 -5.12
CA GLU A 87 -21.74 -19.28 -4.50
C GLU A 87 -21.39 -17.82 -4.68
N ILE A 88 -22.32 -17.03 -5.21
CA ILE A 88 -22.08 -15.61 -5.46
C ILE A 88 -22.74 -14.74 -4.39
N LYS A 89 -21.98 -13.81 -3.83
CA LYS A 89 -22.51 -12.92 -2.80
C LYS A 89 -21.99 -11.49 -2.92
N VAL A 90 -22.88 -10.57 -3.25
CA VAL A 90 -22.52 -9.16 -3.34
C VAL A 90 -23.04 -8.38 -2.14
N VAL A 91 -22.12 -7.84 -1.35
CA VAL A 91 -22.51 -7.12 -0.14
C VAL A 91 -22.37 -5.62 -0.34
N TRP A 92 -23.29 -4.86 0.24
CA TRP A 92 -23.24 -3.41 0.16
C TRP A 92 -22.40 -2.90 1.31
N HIS A 93 -21.18 -2.47 1.01
CA HIS A 93 -20.28 -2.08 2.07
C HIS A 93 -19.29 -0.98 1.69
N ASN A 94 -19.11 -0.06 2.61
CA ASN A 94 -18.06 0.94 2.56
C ASN A 94 -16.85 0.23 3.15
N ARG A 95 -15.64 0.75 2.94
CA ARG A 95 -14.44 0.15 3.52
C ARG A 95 -14.32 -1.34 3.17
N PRO A 96 -13.92 -1.65 1.92
CA PRO A 96 -13.93 -3.01 1.34
C PRO A 96 -13.28 -4.09 2.20
N PHE A 97 -12.08 -3.81 2.70
CA PHE A 97 -11.31 -4.81 3.43
C PHE A 97 -12.05 -5.28 4.68
N GLU A 98 -12.80 -4.35 5.27
CA GLU A 98 -13.60 -4.69 6.43
C GLU A 98 -14.63 -5.74 6.07
N ALA A 99 -15.35 -5.49 4.99
CA ALA A 99 -16.39 -6.42 4.53
C ALA A 99 -15.80 -7.78 4.23
N ILE A 100 -14.59 -7.77 3.67
CA ILE A 100 -13.96 -9.03 3.33
C ILE A 100 -13.62 -9.82 4.59
N ILE A 101 -12.98 -9.15 5.55
CA ILE A 101 -12.61 -9.83 6.79
C ILE A 101 -13.83 -10.33 7.55
N GLN A 102 -14.88 -9.53 7.60
CA GLN A 102 -16.12 -9.95 8.26
C GLN A 102 -16.73 -11.17 7.60
N GLU A 103 -16.71 -11.21 6.27
CA GLU A 103 -17.23 -12.37 5.57
C GLU A 103 -16.35 -13.60 5.80
N VAL A 104 -15.05 -13.36 6.00
CA VAL A 104 -14.15 -14.45 6.34
C VAL A 104 -14.52 -15.05 7.69
N ILE A 105 -14.76 -14.19 8.67
CA ILE A 105 -14.99 -14.67 10.03
C ILE A 105 -16.40 -15.24 10.27
N SER A 106 -17.40 -14.53 9.79
CA SER A 106 -18.77 -14.99 9.87
C SER A 106 -18.93 -16.20 9.03
N GLY A 107 -18.28 -16.17 7.87
CA GLY A 107 -18.44 -17.19 6.87
C GLY A 107 -17.84 -18.45 7.40
N GLY A 108 -16.57 -18.68 7.15
CA GLY A 108 -15.93 -19.84 7.71
C GLY A 108 -14.84 -20.29 6.81
N HIS A 109 -13.94 -19.40 6.47
CA HIS A 109 -13.12 -19.60 5.31
C HIS A 109 -11.71 -20.08 5.56
N ASP A 110 -11.25 -20.94 4.66
CA ASP A 110 -9.87 -21.45 4.65
C ASP A 110 -8.91 -20.51 3.94
N LEU A 111 -9.40 -19.84 2.91
CA LEU A 111 -8.55 -19.07 2.02
C LEU A 111 -9.20 -17.81 1.47
N VAL A 112 -8.38 -16.80 1.21
CA VAL A 112 -8.82 -15.62 0.50
C VAL A 112 -7.96 -15.44 -0.74
N LEU A 113 -8.59 -15.47 -1.91
CA LEU A 113 -7.86 -15.28 -3.15
C LEU A 113 -8.20 -13.94 -3.78
N LYS A 114 -7.20 -13.06 -3.87
CA LYS A 114 -7.40 -11.75 -4.49
C LYS A 114 -6.41 -11.59 -5.63
N MET A 115 -6.70 -10.67 -6.55
CA MET A 115 -5.88 -10.47 -7.73
C MET A 115 -4.99 -9.25 -7.55
N ALA A 116 -3.72 -9.40 -7.92
CA ALA A 116 -2.80 -8.28 -7.91
C ALA A 116 -2.24 -8.03 -9.32
N HIS A 117 -1.97 -6.78 -9.65
CA HIS A 117 -1.48 -6.46 -10.98
C HIS A 117 0.03 -6.53 -11.11
N GLN A 118 0.46 -6.79 -12.34
CA GLN A 118 1.85 -6.73 -12.74
C GLN A 118 1.90 -6.22 -14.17
N HIS A 119 2.54 -5.07 -14.37
CA HIS A 119 2.61 -4.44 -15.69
C HIS A 119 3.71 -4.96 -16.60
N ASP A 120 4.90 -5.14 -16.03
CA ASP A 120 6.05 -5.59 -16.80
C ASP A 120 6.62 -6.83 -16.18
N ARG A 121 7.29 -7.61 -17.01
CA ARG A 121 7.67 -8.95 -16.68
C ARG A 121 8.58 -9.01 -15.49
N LEU A 122 9.46 -8.04 -15.34
CA LEU A 122 10.43 -8.12 -14.27
C LEU A 122 10.44 -6.99 -13.27
N GLU A 123 9.25 -6.46 -13.04
CA GLU A 123 9.05 -5.46 -12.00
C GLU A 123 8.17 -6.12 -10.93
N ALA A 124 8.02 -5.47 -9.78
CA ALA A 124 7.27 -6.08 -8.69
C ALA A 124 5.77 -5.95 -8.91
N VAL A 125 5.00 -6.76 -8.19
CA VAL A 125 3.55 -6.75 -8.27
C VAL A 125 2.98 -5.53 -7.55
N ILE A 126 1.87 -5.02 -8.06
CA ILE A 126 1.29 -3.78 -7.55
C ILE A 126 0.17 -4.06 -6.55
N PHE A 127 0.33 -3.56 -5.34
CA PHE A 127 -0.64 -3.79 -4.29
C PHE A 127 -1.45 -2.54 -3.97
N THR A 128 -2.69 -2.75 -3.53
CA THR A 128 -3.57 -1.66 -3.14
C THR A 128 -3.64 -1.61 -1.61
N PRO A 129 -4.16 -0.49 -1.06
CA PRO A 129 -4.36 -0.45 0.40
C PRO A 129 -5.22 -1.60 0.88
N THR A 130 -6.24 -1.97 0.11
CA THR A 130 -7.08 -3.11 0.45
C THR A 130 -6.23 -4.37 0.55
N ASP A 131 -5.30 -4.52 -0.38
CA ASP A 131 -4.40 -5.67 -0.41
C ASP A 131 -3.59 -5.69 0.84
N TRP A 132 -3.14 -4.52 1.27
CA TRP A 132 -2.27 -4.48 2.43
C TRP A 132 -3.07 -4.76 3.68
N HIS A 133 -4.26 -4.20 3.79
CA HIS A 133 -5.15 -4.44 4.91
C HIS A 133 -5.38 -5.93 5.08
N LEU A 134 -5.68 -6.61 3.97
CA LEU A 134 -5.88 -8.05 4.04
C LEU A 134 -4.60 -8.75 4.47
N LEU A 135 -3.48 -8.34 3.89
CA LEU A 135 -2.21 -8.95 4.22
C LEU A 135 -1.79 -8.79 5.68
N ARG A 136 -2.29 -7.78 6.39
CA ARG A 136 -1.96 -7.64 7.82
C ARG A 136 -3.13 -7.81 8.80
N LYS A 137 -4.37 -7.70 8.32
CA LYS A 137 -5.50 -7.91 9.24
C LYS A 137 -6.35 -9.16 9.00
N CYS A 138 -6.31 -9.72 7.79
CA CYS A 138 -7.13 -10.89 7.50
C CYS A 138 -6.59 -12.15 8.14
N PRO A 139 -7.36 -12.75 9.07
CA PRO A 139 -6.99 -13.91 9.88
C PRO A 139 -6.70 -15.17 9.07
N SER A 140 -7.35 -15.29 7.93
CA SER A 140 -7.19 -16.46 7.08
C SER A 140 -5.95 -16.34 6.23
N PRO A 141 -5.36 -17.49 5.85
CA PRO A 141 -4.24 -17.46 4.92
C PRO A 141 -4.64 -16.73 3.65
N VAL A 142 -3.91 -15.69 3.29
CA VAL A 142 -4.23 -14.91 2.12
C VAL A 142 -3.32 -15.29 0.96
N TRP A 143 -3.94 -15.65 -0.15
CA TRP A 143 -3.21 -15.99 -1.37
C TRP A 143 -3.40 -14.89 -2.42
N MET A 144 -2.43 -14.00 -2.50
CA MET A 144 -2.40 -12.99 -3.55
C MET A 144 -1.95 -13.64 -4.87
N VAL A 145 -2.86 -13.58 -5.84
CA VAL A 145 -2.65 -14.16 -7.17
C VAL A 145 -2.42 -13.08 -8.23
N LYS A 146 -1.22 -13.04 -8.79
CA LYS A 146 -0.89 -12.04 -9.81
C LYS A 146 -1.56 -12.38 -11.14
N ASP A 147 -1.82 -11.35 -11.94
CA ASP A 147 -2.47 -11.55 -13.24
C ASP A 147 -1.45 -11.93 -14.30
N GLN A 148 -0.60 -12.89 -13.96
CA GLN A 148 0.40 -13.41 -14.89
C GLN A 148 0.43 -14.93 -14.79
N PRO A 149 0.68 -15.61 -15.90
CA PRO A 149 0.64 -17.08 -15.91
C PRO A 149 1.69 -17.72 -15.01
N TRP A 150 1.33 -18.85 -14.40
CA TRP A 150 2.25 -19.60 -13.55
C TRP A 150 3.42 -20.13 -14.38
N PRO A 151 4.65 -20.03 -13.85
CA PRO A 151 5.86 -20.51 -14.54
C PRO A 151 5.77 -22.02 -14.79
N GLU A 152 6.24 -22.52 -15.93
CA GLU A 152 6.00 -23.92 -16.27
C GLU A 152 6.77 -24.83 -15.30
N GLY A 153 7.83 -24.29 -14.73
CA GLY A 153 8.54 -25.00 -13.69
C GLY A 153 8.02 -24.49 -12.37
N GLY A 154 7.13 -25.29 -11.80
CA GLY A 154 6.48 -24.94 -10.56
C GLY A 154 7.42 -25.06 -9.38
N LYS A 155 7.45 -24.01 -8.57
CA LYS A 155 8.25 -24.01 -7.35
C LYS A 155 7.61 -23.19 -6.25
N ALA A 156 7.56 -23.80 -5.06
CA ALA A 156 7.01 -23.14 -3.89
C ALA A 156 8.17 -22.75 -3.00
N LEU A 157 8.07 -21.58 -2.38
CA LEU A 157 9.17 -21.05 -1.58
C LEU A 157 8.68 -20.65 -0.19
N VAL A 158 9.40 -21.11 0.83
CA VAL A 158 9.02 -20.81 2.20
C VAL A 158 10.08 -19.96 2.89
N ALA A 159 9.70 -18.74 3.25
CA ALA A 159 10.59 -17.82 3.95
C ALA A 159 10.38 -17.95 5.45
N VAL A 160 11.45 -18.19 6.18
CA VAL A 160 11.33 -18.47 7.61
C VAL A 160 12.02 -17.40 8.46
N ASN A 161 11.39 -17.05 9.58
CA ASN A 161 12.05 -16.21 10.57
C ASN A 161 12.91 -17.06 11.50
N LEU A 162 13.92 -17.68 10.92
CA LEU A 162 14.89 -18.50 11.62
C LEU A 162 15.54 -17.76 12.78
N ALA A 163 15.79 -16.49 12.51
CA ALA A 163 16.65 -15.65 13.32
C ALA A 163 16.30 -15.60 14.80
N SER A 164 15.07 -15.23 15.12
CA SER A 164 14.67 -14.98 16.50
C SER A 164 14.36 -16.27 17.26
N GLU A 165 15.04 -16.46 18.39
CA GLU A 165 14.89 -17.66 19.20
C GLU A 165 13.57 -17.72 19.93
N GLU A 166 12.75 -16.69 19.77
CA GLU A 166 11.39 -16.67 20.33
C GLU A 166 10.54 -17.88 19.94
N PRO A 167 9.72 -18.36 20.90
CA PRO A 167 8.97 -19.62 20.85
C PRO A 167 7.65 -19.54 20.09
N TYR A 168 7.26 -18.38 19.60
CA TYR A 168 6.03 -18.28 18.81
C TYR A 168 6.35 -18.28 17.31
N HIS A 169 7.62 -18.03 17.00
CA HIS A 169 8.12 -18.11 15.63
C HIS A 169 8.43 -19.55 15.20
N ASN A 170 8.43 -20.48 16.16
CA ASN A 170 8.69 -21.87 15.84
C ASN A 170 7.46 -22.58 15.29
N ALA A 171 6.33 -22.38 15.96
CA ALA A 171 5.05 -22.93 15.54
C ALA A 171 4.68 -22.41 14.17
N LEU A 172 4.88 -21.11 13.97
CA LEU A 172 4.59 -20.49 12.69
C LEU A 172 5.42 -21.10 11.57
N ASN A 173 6.69 -21.37 11.85
CA ASN A 173 7.57 -22.00 10.86
C ASN A 173 7.06 -23.36 10.44
N GLU A 174 6.75 -24.20 11.43
CA GLU A 174 6.36 -25.57 11.15
C GLU A 174 5.01 -25.60 10.48
N LYS A 175 4.15 -24.65 10.83
CA LYS A 175 2.87 -24.49 10.16
C LYS A 175 3.08 -24.09 8.71
N LEU A 176 3.97 -23.12 8.49
CA LEU A 176 4.29 -22.67 7.13
C LEU A 176 4.70 -23.84 6.27
N VAL A 177 5.62 -24.66 6.79
CA VAL A 177 6.10 -25.77 5.99
C VAL A 177 5.00 -26.81 5.79
N LYS A 178 4.43 -27.29 6.89
CA LYS A 178 3.41 -28.34 6.87
C LYS A 178 2.24 -27.99 5.94
N GLU A 179 1.75 -26.76 6.03
CA GLU A 179 0.60 -26.32 5.24
C GLU A 179 1.00 -26.09 3.78
N THR A 180 2.30 -26.14 3.52
CA THR A 180 2.84 -26.04 2.16
C THR A 180 3.04 -27.43 1.56
N ILE A 181 3.42 -28.38 2.42
CA ILE A 181 3.65 -29.74 1.98
C ILE A 181 2.32 -30.45 1.74
N GLU A 182 1.35 -30.24 2.63
CA GLU A 182 0.04 -30.84 2.44
C GLU A 182 -0.62 -30.26 1.20
N LEU A 183 -0.16 -29.07 0.79
CA LEU A 183 -0.70 -28.40 -0.38
C LEU A 183 -0.03 -28.82 -1.68
N ALA A 184 1.30 -28.75 -1.71
CA ALA A 184 2.03 -29.08 -2.92
C ALA A 184 1.78 -30.51 -3.37
N GLU A 185 1.76 -31.44 -2.42
CA GLU A 185 1.39 -32.85 -2.68
C GLU A 185 0.05 -32.96 -3.41
N GLN A 186 -0.88 -32.10 -3.01
CA GLN A 186 -2.25 -32.14 -3.50
C GLN A 186 -2.49 -31.40 -4.81
N VAL A 187 -1.49 -30.72 -5.37
CA VAL A 187 -1.75 -30.00 -6.62
C VAL A 187 -1.52 -30.94 -7.84
N ASN A 188 -0.31 -31.32 -8.31
CA ASN A 188 1.05 -30.86 -7.96
C ASN A 188 1.63 -30.46 -9.32
N HIS A 189 2.86 -29.94 -9.50
CA HIS A 189 4.12 -30.10 -8.75
C HIS A 189 4.24 -29.97 -7.23
N THR A 190 5.29 -30.63 -6.74
CA THR A 190 5.65 -30.63 -5.33
C THR A 190 7.11 -30.21 -5.18
N GLU A 191 7.43 -29.00 -5.62
CA GLU A 191 8.78 -28.50 -5.47
C GLU A 191 8.82 -27.45 -4.37
N VAL A 192 9.17 -27.87 -3.15
CA VAL A 192 9.17 -26.96 -2.02
C VAL A 192 10.58 -26.56 -1.59
N HIS A 193 10.90 -25.28 -1.72
CA HIS A 193 12.19 -24.77 -1.28
C HIS A 193 12.07 -24.16 0.10
N LEU A 194 13.17 -24.14 0.83
CA LEU A 194 13.20 -23.51 2.14
C LEU A 194 14.26 -22.41 2.14
N VAL A 195 13.85 -21.18 2.48
CA VAL A 195 14.81 -20.09 2.50
C VAL A 195 14.86 -19.40 3.83
N GLY A 196 16.09 -19.20 4.31
CA GLY A 196 16.30 -18.34 5.45
C GLY A 196 17.07 -17.15 4.94
N ALA A 197 16.94 -16.05 5.68
CA ALA A 197 17.70 -14.85 5.41
C ALA A 197 18.14 -14.27 6.75
N TYR A 198 19.45 -14.02 6.80
CA TYR A 198 20.16 -13.49 7.95
C TYR A 198 21.11 -12.37 7.50
N PRO A 199 21.29 -11.41 8.41
CA PRO A 199 22.09 -10.24 8.12
C PRO A 199 23.42 -10.27 8.81
N VAL A 200 24.45 -9.90 8.07
CA VAL A 200 25.83 -9.92 8.53
C VAL A 200 26.22 -8.47 8.78
N THR A 201 26.72 -8.26 9.99
CA THR A 201 26.83 -6.97 10.64
C THR A 201 28.22 -6.45 10.49
N PRO A 202 28.26 -5.21 9.83
CA PRO A 202 29.48 -4.94 9.10
C PRO A 202 30.38 -3.76 9.48
N ILE A 203 29.86 -2.77 10.18
CA ILE A 203 30.68 -1.59 10.47
C ILE A 203 30.13 -0.80 11.63
N PHE A 212 36.20 -5.61 20.98
CA PHE A 212 35.38 -6.74 20.55
C PHE A 212 35.41 -6.93 19.03
N ASP A 213 35.60 -8.18 18.63
CA ASP A 213 35.68 -8.58 17.23
C ASP A 213 34.32 -8.97 16.65
N PRO A 214 33.97 -8.37 15.51
CA PRO A 214 32.67 -8.65 14.88
C PRO A 214 32.59 -10.05 14.26
N SER A 215 33.73 -10.61 13.88
CA SER A 215 33.76 -11.87 13.14
C SER A 215 33.16 -13.07 13.87
N VAL A 216 33.10 -13.01 15.19
CA VAL A 216 32.49 -14.10 15.95
C VAL A 216 30.97 -14.08 15.82
N TYR A 217 30.41 -12.88 15.81
CA TYR A 217 28.97 -12.69 15.71
C TYR A 217 28.51 -13.31 14.41
N ASN A 218 29.29 -13.13 13.35
CA ASN A 218 28.92 -13.63 12.03
C ASN A 218 28.73 -15.15 11.99
N ASP A 219 29.75 -15.88 12.44
CA ASP A 219 29.70 -17.32 12.32
C ASP A 219 28.88 -17.90 13.46
N ALA A 220 28.45 -17.02 14.37
CA ALA A 220 27.49 -17.39 15.41
C ALA A 220 26.06 -17.27 14.88
N ILE A 221 25.78 -16.16 14.21
CA ILE A 221 24.52 -15.90 13.51
C ILE A 221 24.25 -17.06 12.54
N ARG A 222 25.31 -17.48 11.87
CA ARG A 222 25.18 -18.52 10.87
C ARG A 222 25.21 -19.88 11.51
N GLY A 223 25.90 -19.94 12.66
CA GLY A 223 25.87 -21.13 13.46
C GLY A 223 24.46 -21.48 13.90
N GLN A 224 23.65 -20.48 14.21
CA GLN A 224 22.29 -20.82 14.58
C GLN A 224 21.50 -21.08 13.32
N HIS A 225 21.64 -20.18 12.35
CA HIS A 225 20.77 -20.25 11.16
C HIS A 225 20.84 -21.55 10.39
N LEU A 226 22.05 -21.99 10.03
CA LEU A 226 22.13 -23.24 9.30
C LEU A 226 21.41 -24.34 10.08
N LEU A 227 21.64 -24.36 11.38
CA LEU A 227 21.13 -25.44 12.21
C LEU A 227 19.62 -25.38 12.41
N ALA A 228 19.11 -24.18 12.66
CA ALA A 228 17.71 -23.96 12.97
C ALA A 228 16.90 -24.24 11.73
N MET A 229 17.46 -23.85 10.58
CA MET A 229 16.88 -24.13 9.27
C MET A 229 16.76 -25.62 9.09
N LYS A 230 17.78 -26.34 9.57
CA LYS A 230 17.80 -27.79 9.37
C LYS A 230 16.95 -28.56 10.41
N ALA A 231 16.61 -27.89 11.51
CA ALA A 231 15.72 -28.47 12.53
C ALA A 231 14.33 -28.64 11.94
N LEU A 232 13.97 -27.72 11.05
CA LEU A 232 12.72 -27.81 10.32
C LEU A 232 12.74 -29.03 9.45
N ARG A 233 13.79 -29.05 8.64
CA ARG A 233 13.96 -30.04 7.60
C ARG A 233 13.87 -31.50 8.04
N GLN A 234 14.41 -31.89 9.21
CA GLN A 234 14.46 -33.35 9.45
C GLN A 234 13.21 -33.87 10.16
N LYS A 235 12.34 -32.96 10.56
CA LYS A 235 10.97 -33.33 10.85
C LYS A 235 10.14 -33.24 9.57
N PHE A 236 10.58 -32.42 8.62
CA PHE A 236 9.80 -32.22 7.40
C PHE A 236 10.43 -32.76 6.11
N GLY A 237 11.53 -33.49 6.24
CA GLY A 237 12.13 -34.22 5.13
C GLY A 237 12.53 -33.44 3.89
N ILE A 238 12.71 -32.13 4.02
CA ILE A 238 13.23 -31.29 2.94
C ILE A 238 14.75 -31.16 3.10
N ASN A 239 15.54 -31.99 2.43
CA ASN A 239 16.98 -32.07 2.72
C ASN A 239 17.96 -31.26 1.83
N GLU A 240 18.59 -30.29 2.44
CA GLU A 240 19.71 -29.53 1.89
C GLU A 240 19.67 -29.08 0.41
N ASN A 241 19.21 -29.90 -0.49
CA ASN A 241 19.16 -29.56 -1.90
C ASN A 241 18.27 -28.40 -2.29
N MET A 242 17.20 -28.17 -1.54
CA MET A 242 16.29 -27.08 -1.85
C MET A 242 16.08 -26.16 -0.64
N THR A 243 16.99 -26.24 0.31
CA THR A 243 17.01 -25.31 1.43
C THR A 243 18.09 -24.28 1.16
N HIS A 244 17.82 -23.04 1.52
CA HIS A 244 18.78 -22.00 1.23
C HIS A 244 19.03 -21.15 2.45
N VAL A 245 20.30 -20.90 2.75
CA VAL A 245 20.65 -19.99 3.81
C VAL A 245 21.70 -19.01 3.26
N GLU A 246 21.28 -17.78 3.01
CA GLU A 246 22.11 -16.73 2.36
C GLU A 246 22.13 -15.46 3.24
N LYS A 247 23.08 -14.55 3.04
CA LYS A 247 23.02 -13.28 3.80
C LYS A 247 22.98 -12.04 2.94
N GLY A 248 22.60 -10.93 3.58
CA GLY A 248 22.21 -9.71 2.89
C GLY A 248 20.86 -9.37 3.51
N LEU A 249 20.09 -8.51 2.85
CA LEU A 249 18.83 -8.04 3.35
C LEU A 249 17.67 -8.88 2.82
N PRO A 250 16.80 -9.38 3.71
CA PRO A 250 15.63 -10.17 3.34
C PRO A 250 14.78 -9.49 2.28
N GLU A 251 14.74 -8.16 2.31
CA GLU A 251 13.95 -7.40 1.35
C GLU A 251 14.56 -7.42 -0.04
N GLU A 252 15.73 -8.06 -0.17
CA GLU A 252 16.37 -8.24 -1.46
C GLU A 252 16.83 -9.68 -1.66
N VAL A 253 17.18 -10.33 -0.54
CA VAL A 253 17.70 -11.69 -0.60
C VAL A 253 16.69 -12.69 -1.16
N ILE A 254 15.47 -12.67 -0.64
CA ILE A 254 14.48 -13.65 -1.06
C ILE A 254 13.82 -13.36 -2.43
N PRO A 255 13.59 -12.08 -2.81
CA PRO A 255 12.93 -11.95 -4.12
C PRO A 255 13.78 -12.38 -5.32
N ASP A 256 15.03 -11.92 -5.37
CA ASP A 256 15.91 -12.26 -6.48
C ASP A 256 16.17 -13.76 -6.48
N LEU A 257 16.29 -14.32 -5.27
CA LEU A 257 16.43 -15.76 -5.12
C LEU A 257 15.23 -16.44 -5.76
N ALA A 258 14.04 -15.96 -5.42
CA ALA A 258 12.79 -16.51 -5.93
C ALA A 258 12.79 -16.46 -7.45
N GLU A 259 13.42 -15.42 -8.00
CA GLU A 259 13.46 -15.25 -9.44
C GLU A 259 14.47 -16.13 -10.16
N HIS A 260 15.63 -16.32 -9.55
CA HIS A 260 16.67 -17.16 -10.12
C HIS A 260 16.21 -18.61 -9.98
N LEU A 261 15.33 -18.83 -9.02
CA LEU A 261 14.80 -20.16 -8.75
C LEU A 261 13.65 -20.48 -9.69
N GLN A 262 13.11 -19.47 -10.34
CA GLN A 262 11.93 -19.60 -11.21
C GLN A 262 10.67 -19.87 -10.38
N ALA A 263 10.70 -19.46 -9.11
CA ALA A 263 9.60 -19.69 -8.20
C ALA A 263 8.34 -18.98 -8.67
N GLY A 264 7.20 -19.65 -8.56
CA GLY A 264 5.92 -19.07 -8.93
C GLY A 264 5.14 -18.55 -7.74
N ILE A 265 5.45 -19.06 -6.55
CA ILE A 265 4.80 -18.60 -5.32
C ILE A 265 5.79 -18.57 -4.15
N VAL A 266 5.51 -17.72 -3.17
CA VAL A 266 6.30 -17.68 -1.94
C VAL A 266 5.41 -17.60 -0.70
N VAL A 267 5.71 -18.44 0.29
CA VAL A 267 4.94 -18.46 1.53
C VAL A 267 5.59 -17.57 2.57
N LEU A 268 4.79 -16.67 3.15
CA LEU A 268 5.32 -15.70 4.11
C LEU A 268 4.61 -15.81 5.44
N GLY A 269 5.33 -15.51 6.53
CA GLY A 269 4.75 -15.59 7.85
C GLY A 269 4.87 -14.32 8.68
N THR A 270 3.74 -13.87 9.22
CA THR A 270 3.73 -12.67 10.04
C THR A 270 2.93 -12.93 11.31
N VAL A 271 3.42 -12.42 12.43
CA VAL A 271 2.73 -12.54 13.71
C VAL A 271 2.47 -11.18 14.34
N GLY A 272 1.35 -11.04 15.03
CA GLY A 272 0.97 -9.77 15.60
C GLY A 272 -0.50 -9.65 15.93
N PHE A 280 1.16 -2.31 10.19
CA PHE A 280 2.57 -2.33 9.87
C PHE A 280 3.01 -3.73 9.65
N LEU A 281 2.75 -4.55 10.66
CA LEU A 281 3.09 -5.98 10.71
C LEU A 281 4.22 -6.53 9.83
N GLY A 282 5.44 -6.17 10.18
CA GLY A 282 6.65 -6.60 9.51
C GLY A 282 7.26 -5.60 8.56
N ASN A 283 7.82 -4.50 9.02
CA ASN A 283 8.33 -3.64 7.97
C ASN A 283 9.44 -4.44 7.43
N THR A 284 9.92 -5.32 8.27
CA THR A 284 10.88 -6.31 7.84
C THR A 284 10.32 -7.14 6.69
N ALA A 285 9.03 -7.49 6.81
CA ALA A 285 8.37 -8.35 5.83
C ALA A 285 7.61 -7.52 4.79
N GLU A 286 7.22 -6.30 5.17
CA GLU A 286 6.53 -5.40 4.25
C GLU A 286 7.44 -5.05 3.07
N GLN A 287 8.69 -4.75 3.38
CA GLN A 287 9.66 -4.44 2.34
C GLN A 287 9.90 -5.68 1.49
N VAL A 288 9.87 -6.85 2.11
CA VAL A 288 9.99 -8.11 1.39
C VAL A 288 8.88 -8.28 0.37
N ILE A 289 7.66 -7.94 0.77
CA ILE A 289 6.50 -8.08 -0.11
C ILE A 289 6.54 -7.09 -1.26
N ASP A 290 6.95 -5.87 -0.97
CA ASP A 290 6.86 -4.80 -1.96
C ASP A 290 7.76 -5.01 -3.19
N HIS A 291 8.85 -5.77 -3.04
CA HIS A 291 9.75 -6.03 -4.16
C HIS A 291 9.65 -7.47 -4.63
N LEU A 292 8.44 -8.02 -4.58
CA LEU A 292 8.21 -9.38 -5.01
C LEU A 292 7.62 -9.47 -6.41
N ARG A 293 7.88 -10.56 -7.13
CA ARG A 293 7.40 -10.69 -8.50
C ARG A 293 6.65 -12.00 -8.73
N CYS A 294 6.21 -12.64 -7.66
CA CYS A 294 5.51 -13.90 -7.79
C CYS A 294 4.26 -13.94 -6.90
N ASP A 295 3.55 -15.06 -6.93
CA ASP A 295 2.37 -15.23 -6.10
C ASP A 295 2.76 -15.19 -4.63
N LEU A 296 1.83 -14.76 -3.79
CA LEU A 296 2.15 -14.63 -2.38
C LEU A 296 1.15 -15.39 -1.53
N LEU A 297 1.64 -16.07 -0.51
CA LEU A 297 0.74 -16.73 0.41
C LEU A 297 1.15 -16.40 1.82
N VAL A 298 0.53 -15.37 2.38
CA VAL A 298 0.85 -15.06 3.76
C VAL A 298 -0.02 -15.97 4.58
N ILE A 299 0.60 -16.71 5.48
CA ILE A 299 -0.19 -17.53 6.35
C ILE A 299 0.02 -16.88 7.65
N LYS A 300 -0.99 -16.17 8.12
CA LYS A 300 -0.87 -15.67 9.44
C LYS A 300 -1.15 -16.94 10.19
N PRO A 301 -0.42 -17.16 11.26
CA PRO A 301 -0.64 -18.33 12.08
C PRO A 301 -1.95 -18.14 12.79
N ASP A 302 -2.53 -19.20 13.32
CA ASP A 302 -3.83 -19.07 13.96
C ASP A 302 -3.47 -18.54 15.31
N GLN A 303 -4.32 -18.69 16.30
CA GLN A 303 -3.92 -18.35 17.65
C GLN A 303 -3.81 -16.85 17.69
N TYR A 304 -4.32 -16.24 16.64
CA TYR A 304 -4.33 -14.80 16.42
C TYR A 304 -5.72 -14.22 16.19
N GLN A 305 -5.95 -13.03 16.72
CA GLN A 305 -7.25 -12.39 16.60
C GLN A 305 -7.15 -11.02 15.93
N THR A 306 -8.02 -10.78 14.96
CA THR A 306 -7.99 -9.61 14.10
C THR A 306 -8.79 -8.45 14.68
N PRO A 307 -8.34 -7.21 14.44
CA PRO A 307 -9.08 -6.06 14.96
C PRO A 307 -10.41 -5.87 14.25
N MET B 3 3.04 29.19 3.25
CA MET B 3 3.67 29.14 4.57
C MET B 3 3.88 27.69 4.99
N TYR B 4 4.97 27.13 4.51
CA TYR B 4 5.40 25.76 4.80
C TYR B 4 6.87 25.77 5.13
N GLN B 5 7.22 26.29 6.30
CA GLN B 5 8.59 26.65 6.58
C GLN B 5 9.27 25.81 7.66
N ASN B 6 8.85 24.55 7.77
CA ASN B 6 9.59 23.56 8.55
C ASN B 6 9.35 22.17 7.98
N MET B 7 10.07 21.84 6.92
CA MET B 7 9.84 20.62 6.16
C MET B 7 10.50 19.39 6.78
N LEU B 8 9.83 18.25 6.68
CA LEU B 8 10.41 16.98 7.11
C LEU B 8 10.63 16.08 5.91
N VAL B 9 11.90 15.78 5.62
CA VAL B 9 12.24 14.99 4.44
C VAL B 9 12.54 13.55 4.79
N VAL B 10 11.77 12.64 4.19
CA VAL B 10 11.97 11.22 4.45
C VAL B 10 13.02 10.65 3.51
N ILE B 11 14.06 10.06 4.10
CA ILE B 11 15.17 9.51 3.34
C ILE B 11 14.92 8.05 2.99
N ASP B 12 15.05 7.72 1.70
CA ASP B 12 14.94 6.34 1.25
C ASP B 12 16.32 5.68 1.38
N PRO B 13 16.44 4.71 2.30
CA PRO B 13 17.72 4.10 2.64
C PRO B 13 18.21 3.03 1.67
N ASN B 14 17.51 2.86 0.54
CA ASN B 14 17.87 1.81 -0.40
C ASN B 14 18.53 2.35 -1.67
N GLN B 15 18.58 3.67 -1.80
CA GLN B 15 19.28 4.28 -2.93
C GLN B 15 20.01 5.52 -2.46
N ASP B 16 20.73 6.17 -3.37
CA ASP B 16 21.54 7.32 -3.01
C ASP B 16 20.87 8.64 -3.33
N ASP B 17 20.27 8.74 -4.51
CA ASP B 17 19.55 9.94 -4.91
C ASP B 17 18.29 10.14 -4.07
N GLN B 18 18.13 11.35 -3.51
CA GLN B 18 16.96 11.66 -2.70
C GLN B 18 16.12 12.76 -3.33
N PRO B 19 15.17 12.39 -4.21
CA PRO B 19 14.33 13.38 -4.90
C PRO B 19 13.49 14.22 -3.94
N ALA B 20 13.18 13.65 -2.77
CA ALA B 20 12.43 14.37 -1.74
C ALA B 20 13.24 15.56 -1.24
N LEU B 21 14.54 15.31 -1.02
CA LEU B 21 15.45 16.35 -0.58
C LEU B 21 15.59 17.42 -1.65
N ARG B 22 15.75 16.99 -2.90
CA ARG B 22 15.91 17.91 -4.02
C ARG B 22 14.72 18.84 -4.14
N ARG B 23 13.52 18.27 -4.00
CA ARG B 23 12.30 19.05 -4.09
C ARG B 23 12.18 19.99 -2.91
N ALA B 24 12.59 19.49 -1.74
CA ALA B 24 12.55 20.29 -0.52
C ALA B 24 13.44 21.52 -0.65
N VAL B 25 14.62 21.34 -1.22
CA VAL B 25 15.54 22.45 -1.44
C VAL B 25 14.95 23.43 -2.43
N TYR B 26 14.44 22.89 -3.54
CA TYR B 26 13.80 23.71 -4.56
C TYR B 26 12.75 24.61 -3.93
N LEU B 27 11.94 24.03 -3.05
CA LEU B 27 10.93 24.79 -2.31
C LEU B 27 11.57 25.83 -1.41
N HIS B 28 12.64 25.43 -0.74
CA HIS B 28 13.34 26.27 0.22
C HIS B 28 13.85 27.51 -0.47
N GLN B 29 14.06 27.42 -1.77
CA GLN B 29 14.59 28.57 -2.48
C GLN B 29 13.59 29.63 -2.89
N ARG B 30 12.31 29.32 -2.75
CA ARG B 30 11.28 30.23 -3.21
C ARG B 30 10.33 30.57 -2.07
N ILE B 31 10.27 29.69 -1.08
CA ILE B 31 9.36 29.87 0.04
C ILE B 31 10.15 30.10 1.33
N GLY B 32 11.32 29.49 1.42
CA GLY B 32 12.16 29.62 2.58
C GLY B 32 11.91 28.49 3.55
N GLY B 33 12.24 28.70 4.82
CA GLY B 33 11.98 27.73 5.85
C GLY B 33 13.17 26.87 6.22
N LYS B 34 12.93 25.85 7.04
CA LYS B 34 13.94 24.89 7.45
C LYS B 34 13.80 23.56 6.70
N ILE B 35 14.83 22.72 6.79
CA ILE B 35 14.79 21.37 6.24
C ILE B 35 15.40 20.38 7.23
N LYS B 36 14.67 19.30 7.51
CA LYS B 36 15.18 18.25 8.40
C LYS B 36 15.23 16.90 7.68
N ALA B 37 16.44 16.48 7.34
CA ALA B 37 16.65 15.16 6.73
C ALA B 37 16.43 14.06 7.75
N PHE B 38 15.30 13.38 7.64
CA PHE B 38 14.91 12.38 8.61
C PHE B 38 15.02 10.97 8.05
N LEU B 39 15.42 10.03 8.90
CA LEU B 39 15.54 8.64 8.49
C LEU B 39 15.47 7.71 9.69
N PRO B 40 14.36 6.98 9.82
CA PRO B 40 14.21 5.95 10.86
C PRO B 40 14.93 4.65 10.47
N ILE B 41 15.82 4.17 11.33
CA ILE B 41 16.53 2.94 11.02
C ILE B 41 16.45 1.91 12.16
N TYR B 42 16.72 0.66 11.80
CA TYR B 42 16.70 -0.46 12.73
C TYR B 42 17.54 -1.58 12.16
N ASP B 43 18.23 -2.29 13.05
CA ASP B 43 19.02 -3.44 12.65
C ASP B 43 18.66 -4.67 13.46
N PHE B 44 18.74 -5.82 12.82
CA PHE B 44 18.36 -7.07 13.43
C PHE B 44 19.24 -7.46 14.63
N SER B 45 20.44 -6.89 14.70
CA SER B 45 21.35 -7.22 15.81
C SER B 45 20.78 -6.76 17.15
N TYR B 46 20.00 -5.68 17.11
CA TYR B 46 19.42 -5.07 18.30
C TYR B 46 18.26 -5.94 18.75
N GLU B 47 17.84 -6.81 17.84
CA GLU B 47 16.69 -7.69 18.05
C GLU B 47 17.14 -8.99 18.68
N MET B 48 18.42 -9.28 18.53
CA MET B 48 19.09 -10.41 19.17
C MET B 48 19.35 -10.26 20.66
N THR B 49 18.40 -10.66 21.50
CA THR B 49 18.57 -10.51 22.95
C THR B 49 19.73 -11.39 23.41
N THR B 50 19.99 -12.47 22.68
CA THR B 50 21.11 -13.34 23.04
C THR B 50 21.88 -13.97 21.87
N LEU B 51 23.20 -13.85 21.98
CA LEU B 51 23.74 -12.96 23.01
C LEU B 51 24.60 -11.84 22.50
N LEU B 52 24.09 -10.64 22.67
CA LEU B 52 24.91 -9.46 22.76
C LEU B 52 24.49 -8.82 24.07
N SER B 53 25.46 -8.61 24.95
CA SER B 53 25.24 -7.87 26.19
C SER B 53 24.74 -6.53 25.78
N PRO B 54 23.70 -6.03 26.46
CA PRO B 54 23.04 -4.75 26.16
C PRO B 54 24.02 -3.65 25.71
N ASP B 55 25.23 -3.62 26.29
CA ASP B 55 26.22 -2.60 25.96
C ASP B 55 26.63 -2.54 24.49
N GLU B 56 27.20 -3.62 23.95
CA GLU B 56 27.61 -3.61 22.54
C GLU B 56 26.39 -3.48 21.62
N ARG B 57 25.23 -3.99 22.03
CA ARG B 57 24.03 -3.84 21.21
C ARG B 57 23.75 -2.36 21.04
N THR B 58 23.90 -1.60 22.12
CA THR B 58 23.77 -0.15 22.00
C THR B 58 24.92 0.41 21.17
N ALA B 59 26.09 -0.21 21.26
CA ALA B 59 27.25 0.20 20.45
C ALA B 59 27.04 0.04 18.94
N MET B 60 26.47 -1.09 18.51
CA MET B 60 26.22 -1.36 17.11
C MET B 60 25.08 -0.48 16.65
N ARG B 61 24.15 -0.22 17.58
CA ARG B 61 23.11 0.76 17.32
C ARG B 61 23.73 2.11 17.00
N GLN B 62 24.68 2.51 17.84
CA GLN B 62 25.37 3.77 17.70
C GLN B 62 26.20 3.83 16.42
N GLY B 63 26.68 2.67 15.98
CA GLY B 63 27.51 2.61 14.79
C GLY B 63 26.72 2.62 13.51
N VAL B 64 25.48 2.16 13.60
CA VAL B 64 24.57 2.21 12.47
C VAL B 64 24.04 3.62 12.34
N ILE B 65 23.62 4.20 13.46
CA ILE B 65 23.17 5.58 13.47
C ILE B 65 24.27 6.50 12.93
N SER B 66 25.49 6.34 13.44
CA SER B 66 26.64 7.10 12.97
C SER B 66 26.85 6.90 11.47
N GLN B 67 26.76 5.65 11.02
CA GLN B 67 27.00 5.34 9.62
C GLN B 67 25.98 5.99 8.70
N ARG B 68 24.73 6.04 9.14
CA ARG B 68 23.69 6.63 8.33
C ARG B 68 23.72 8.15 8.40
N THR B 69 24.23 8.68 9.51
CA THR B 69 24.39 10.12 9.61
C THR B 69 25.48 10.58 8.65
N ALA B 70 26.57 9.82 8.62
CA ALA B 70 27.64 10.10 7.68
C ALA B 70 27.15 9.96 6.24
N TRP B 71 26.35 8.93 5.99
CA TRP B 71 25.81 8.68 4.65
C TRP B 71 24.89 9.80 4.17
N ILE B 72 23.95 10.21 5.01
CA ILE B 72 23.03 11.29 4.66
C ILE B 72 23.77 12.62 4.52
N HIS B 73 24.82 12.77 5.32
CA HIS B 73 25.63 13.97 5.26
C HIS B 73 26.32 14.04 3.91
N GLU B 74 26.82 12.90 3.48
CA GLU B 74 27.57 12.78 2.24
C GLU B 74 26.73 12.98 0.99
N GLN B 75 25.40 13.03 1.15
CA GLN B 75 24.52 13.16 -0.01
C GLN B 75 23.84 14.52 -0.08
N ALA B 76 24.04 15.33 0.96
CA ALA B 76 23.48 16.66 0.99
C ALA B 76 24.56 17.72 1.09
N LYS B 77 25.82 17.29 1.03
CA LYS B 77 26.95 18.19 1.21
C LYS B 77 26.95 19.30 0.15
N TYR B 78 26.66 18.95 -1.11
CA TYR B 78 26.60 19.96 -2.16
C TYR B 78 25.56 21.02 -1.82
N TYR B 79 24.49 20.61 -1.14
CA TYR B 79 23.50 21.55 -0.65
C TYR B 79 23.98 22.24 0.63
N LEU B 80 24.60 21.47 1.52
CA LEU B 80 25.10 22.01 2.78
C LEU B 80 26.21 23.05 2.64
N ASN B 81 27.28 22.67 1.95
CA ASN B 81 28.41 23.58 1.74
C ASN B 81 27.97 24.84 1.00
N ALA B 82 26.96 24.70 0.15
CA ALA B 82 26.42 25.84 -0.58
C ALA B 82 25.57 26.71 0.34
N GLY B 83 25.23 26.18 1.50
CA GLY B 83 24.59 26.95 2.56
C GLY B 83 23.12 26.68 2.83
N VAL B 84 22.68 25.45 2.58
CA VAL B 84 21.31 25.08 2.86
C VAL B 84 21.19 24.54 4.29
N PRO B 85 20.31 25.13 5.09
CA PRO B 85 20.14 24.67 6.48
C PRO B 85 19.46 23.30 6.55
N ILE B 86 20.24 22.24 6.38
CA ILE B 86 19.70 20.89 6.43
C ILE B 86 20.05 20.21 7.74
N GLU B 87 19.02 19.90 8.52
CA GLU B 87 19.22 19.25 9.80
C GLU B 87 19.10 17.74 9.67
N ILE B 88 20.12 17.02 10.14
CA ILE B 88 20.08 15.57 10.06
C ILE B 88 19.73 14.96 11.42
N LYS B 89 18.74 14.08 11.42
CA LYS B 89 18.34 13.40 12.65
C LYS B 89 17.98 11.95 12.32
N VAL B 90 18.80 11.03 12.81
CA VAL B 90 18.56 9.61 12.61
C VAL B 90 18.01 9.00 13.89
N VAL B 91 16.78 8.50 13.82
CA VAL B 91 16.12 7.91 14.97
C VAL B 91 16.09 6.39 14.84
N TRP B 92 16.19 5.70 15.98
CA TRP B 92 16.17 4.24 16.01
C TRP B 92 14.76 3.71 16.20
N HIS B 93 14.17 3.17 15.14
CA HIS B 93 12.79 2.71 15.19
C HIS B 93 12.56 1.54 14.25
N ASN B 94 11.76 0.57 14.68
CA ASN B 94 11.41 -0.57 13.85
C ASN B 94 10.22 -0.34 12.90
N ARG B 95 9.26 0.49 13.31
CA ARG B 95 8.08 0.79 12.50
C ARG B 95 8.06 2.24 12.01
N PRO B 96 8.72 2.49 10.87
CA PRO B 96 9.07 3.81 10.31
C PRO B 96 7.98 4.88 10.32
N PHE B 97 6.77 4.57 9.88
CA PHE B 97 5.71 5.58 9.77
C PHE B 97 5.39 6.18 11.15
N GLU B 98 5.47 5.34 12.17
CA GLU B 98 5.24 5.77 13.54
C GLU B 98 6.31 6.80 13.89
N ALA B 99 7.56 6.46 13.62
CA ALA B 99 8.68 7.36 13.90
C ALA B 99 8.55 8.68 13.17
N ILE B 100 8.03 8.64 11.96
CA ILE B 100 7.86 9.85 11.16
C ILE B 100 6.79 10.75 11.75
N ILE B 101 5.61 10.19 12.01
CA ILE B 101 4.51 10.98 12.56
C ILE B 101 4.87 11.56 13.94
N GLN B 102 5.59 10.77 14.74
CA GLN B 102 6.04 11.26 16.04
C GLN B 102 6.94 12.46 15.89
N GLU B 103 7.84 12.44 14.91
CA GLU B 103 8.73 13.56 14.68
C GLU B 103 7.97 14.76 14.11
N VAL B 104 6.90 14.48 13.37
CA VAL B 104 6.05 15.53 12.84
C VAL B 104 5.37 16.28 13.99
N ILE B 105 4.83 15.55 14.95
CA ILE B 105 4.10 16.21 16.03
C ILE B 105 5.06 16.81 17.06
N SER B 106 6.19 16.14 17.27
CA SER B 106 7.19 16.55 18.25
C SER B 106 7.94 17.80 17.82
N GLY B 107 8.24 17.91 16.53
CA GLY B 107 8.91 19.10 16.03
C GLY B 107 7.94 20.13 15.46
N GLY B 108 6.72 19.70 15.18
CA GLY B 108 5.73 20.57 14.57
C GLY B 108 6.21 20.98 13.19
N HIS B 109 6.04 20.08 12.23
CA HIS B 109 6.54 20.29 10.88
C HIS B 109 5.38 20.73 9.99
N ASP B 110 5.68 21.56 8.99
CA ASP B 110 4.65 22.09 8.11
C ASP B 110 4.31 21.14 6.98
N LEU B 111 5.31 20.41 6.50
CA LEU B 111 5.15 19.57 5.32
C LEU B 111 6.06 18.36 5.41
N VAL B 112 5.61 17.25 4.85
CA VAL B 112 6.43 16.04 4.75
C VAL B 112 6.61 15.64 3.30
N LEU B 113 7.85 15.59 2.83
CA LEU B 113 8.12 15.21 1.46
C LEU B 113 8.74 13.82 1.41
N LYS B 114 8.02 12.89 0.80
CA LYS B 114 8.53 11.53 0.64
C LYS B 114 8.54 11.15 -0.84
N MET B 115 9.34 10.16 -1.20
CA MET B 115 9.51 9.77 -2.58
C MET B 115 8.76 8.49 -2.96
N ALA B 116 8.06 8.54 -4.09
CA ALA B 116 7.40 7.38 -4.68
C ALA B 116 7.97 7.16 -6.08
N HIS B 117 8.01 5.91 -6.52
CA HIS B 117 8.61 5.61 -7.82
C HIS B 117 7.59 5.69 -8.95
N GLN B 118 8.07 6.02 -10.14
CA GLN B 118 7.25 5.81 -11.31
C GLN B 118 8.14 5.43 -12.47
N HIS B 119 7.98 4.20 -12.91
CA HIS B 119 8.58 3.76 -14.15
C HIS B 119 7.46 3.91 -15.13
N ASP B 120 7.73 4.57 -16.26
CA ASP B 120 6.78 4.70 -17.35
C ASP B 120 5.98 5.96 -17.27
N ARG B 121 5.47 6.35 -18.42
CA ARG B 121 4.60 7.49 -18.53
C ARG B 121 3.29 6.91 -18.94
N LEU B 122 2.22 7.47 -18.41
CA LEU B 122 0.85 6.90 -18.58
C LEU B 122 0.58 5.63 -17.77
N GLU B 123 1.50 5.37 -16.84
CA GLU B 123 1.41 4.31 -15.86
C GLU B 123 1.21 4.92 -14.48
N ALA B 124 0.70 4.15 -13.51
CA ALA B 124 0.49 4.68 -12.17
C ALA B 124 1.75 4.73 -11.31
N VAL B 125 1.68 5.57 -10.28
CA VAL B 125 2.75 5.73 -9.30
C VAL B 125 2.70 4.60 -8.28
N ILE B 126 3.86 4.17 -7.79
CA ILE B 126 3.93 3.05 -6.86
C ILE B 126 4.09 3.51 -5.41
N PHE B 127 3.18 3.10 -4.55
CA PHE B 127 3.20 3.50 -3.14
C PHE B 127 3.61 2.35 -2.22
N THR B 128 4.23 2.68 -1.09
CA THR B 128 4.67 1.69 -0.12
C THR B 128 3.68 1.66 1.05
N PRO B 129 3.77 0.62 1.90
CA PRO B 129 2.93 0.61 3.11
C PRO B 129 3.14 1.85 3.98
N THR B 130 4.39 2.25 4.11
CA THR B 130 4.74 3.45 4.84
C THR B 130 4.05 4.67 4.22
N ASP B 131 4.04 4.71 2.89
CA ASP B 131 3.43 5.82 2.17
C ASP B 131 1.96 5.90 2.51
N TRP B 132 1.31 4.74 2.64
CA TRP B 132 -0.10 4.74 2.90
C TRP B 132 -0.37 5.14 4.36
N HIS B 133 0.44 4.65 5.31
CA HIS B 133 0.17 5.08 6.68
C HIS B 133 0.27 6.58 6.76
N LEU B 134 1.32 7.13 6.16
CA LEU B 134 1.50 8.56 6.20
C LEU B 134 0.34 9.27 5.53
N LEU B 135 -0.09 8.78 4.36
CA LEU B 135 -1.18 9.44 3.66
C LEU B 135 -2.47 9.46 4.45
N ARG B 136 -2.66 8.56 5.41
CA ARG B 136 -3.90 8.70 6.20
C ARG B 136 -3.76 9.09 7.67
N LYS B 137 -2.57 8.95 8.25
CA LYS B 137 -2.39 9.29 9.66
C LYS B 137 -1.57 10.55 9.94
N CYS B 138 -0.79 11.00 8.96
CA CYS B 138 0.05 12.17 9.18
C CYS B 138 -0.79 13.45 9.21
N PRO B 139 -0.79 14.14 10.36
CA PRO B 139 -1.62 15.33 10.56
C PRO B 139 -1.22 16.48 9.62
N SER B 140 0.06 16.51 9.27
CA SER B 140 0.59 17.55 8.39
C SER B 140 0.38 17.16 6.93
N PRO B 141 0.29 18.16 6.04
CA PRO B 141 0.20 17.91 4.60
C PRO B 141 1.35 17.05 4.08
N VAL B 142 1.03 15.95 3.40
CA VAL B 142 2.06 15.09 2.85
C VAL B 142 2.23 15.32 1.35
N TRP B 143 3.47 15.60 0.94
CA TRP B 143 3.79 15.78 -0.47
C TRP B 143 4.59 14.60 -1.00
N MET B 144 3.90 13.67 -1.64
CA MET B 144 4.55 12.58 -2.34
C MET B 144 5.14 13.08 -3.64
N VAL B 145 6.46 12.99 -3.75
CA VAL B 145 7.20 13.45 -4.90
C VAL B 145 7.72 12.28 -5.73
N LYS B 146 7.23 12.14 -6.95
CA LYS B 146 7.69 11.04 -7.80
C LYS B 146 9.09 11.32 -8.33
N ASP B 147 9.83 10.25 -8.60
CA ASP B 147 11.19 10.35 -9.10
C ASP B 147 11.22 10.57 -10.62
N GLN B 148 10.42 11.53 -11.06
CA GLN B 148 10.37 11.92 -12.47
C GLN B 148 10.35 13.44 -12.57
N PRO B 149 10.97 13.98 -13.62
CA PRO B 149 11.08 15.43 -13.77
C PRO B 149 9.71 16.11 -13.84
N TRP B 150 9.65 17.32 -13.30
CA TRP B 150 8.43 18.11 -13.32
C TRP B 150 8.04 18.40 -14.76
N PRO B 151 6.74 18.32 -15.08
CA PRO B 151 6.32 18.58 -16.46
C PRO B 151 6.72 19.98 -16.88
N GLU B 152 7.17 20.16 -18.12
CA GLU B 152 7.75 21.43 -18.49
C GLU B 152 6.70 22.52 -18.45
N GLY B 153 5.44 22.12 -18.57
CA GLY B 153 4.33 23.02 -18.30
C GLY B 153 3.80 22.72 -16.92
N GLY B 154 4.13 23.55 -15.96
CA GLY B 154 3.68 23.32 -14.60
C GLY B 154 2.19 23.56 -14.49
N LYS B 155 1.47 22.61 -13.91
CA LYS B 155 0.02 22.74 -13.73
C LYS B 155 -0.39 22.06 -12.43
N ALA B 156 -1.19 22.77 -11.63
CA ALA B 156 -1.66 22.22 -10.36
C ALA B 156 -3.15 21.91 -10.42
N LEU B 157 -3.56 20.81 -9.78
CA LEU B 157 -4.97 20.41 -9.80
C LEU B 157 -5.50 20.14 -8.41
N VAL B 158 -6.66 20.69 -8.06
CA VAL B 158 -7.23 20.49 -6.73
C VAL B 158 -8.53 19.69 -6.75
N ALA B 159 -8.51 18.49 -6.15
CA ALA B 159 -9.71 17.67 -6.10
C ALA B 159 -10.50 17.85 -4.80
N VAL B 160 -11.76 18.24 -4.95
CA VAL B 160 -12.63 18.57 -3.84
C VAL B 160 -13.87 17.66 -3.79
N ASN B 161 -14.30 17.31 -2.58
CA ASN B 161 -15.57 16.59 -2.42
C ASN B 161 -16.75 17.54 -2.45
N LEU B 162 -16.94 18.20 -3.59
CA LEU B 162 -18.08 19.09 -3.80
C LEU B 162 -19.40 18.39 -3.58
N ALA B 163 -19.47 17.13 -4.02
CA ALA B 163 -20.72 16.39 -4.11
C ALA B 163 -21.48 16.32 -2.79
N SER B 164 -20.84 15.77 -1.76
CA SER B 164 -21.55 15.54 -0.50
C SER B 164 -21.61 16.80 0.35
N GLU B 165 -22.83 17.25 0.61
CA GLU B 165 -23.08 18.46 1.38
C GLU B 165 -22.96 18.28 2.90
N GLU B 166 -21.85 18.77 3.45
CA GLU B 166 -21.67 18.93 4.90
C GLU B 166 -20.60 20.02 5.09
N PRO B 167 -20.75 20.86 6.13
CA PRO B 167 -19.97 22.10 6.15
C PRO B 167 -18.50 21.97 6.57
N TYR B 168 -18.09 20.78 6.98
CA TYR B 168 -16.70 20.60 7.38
C TYR B 168 -15.93 20.10 6.16
N HIS B 169 -16.65 19.58 5.18
CA HIS B 169 -16.03 19.22 3.93
C HIS B 169 -15.89 20.50 3.13
N ASN B 170 -16.64 21.52 3.54
CA ASN B 170 -16.57 22.81 2.88
C ASN B 170 -15.37 23.56 3.44
N ALA B 171 -15.23 23.52 4.76
CA ALA B 171 -14.05 24.12 5.38
C ALA B 171 -12.79 23.47 4.84
N LEU B 172 -12.80 22.13 4.74
CA LEU B 172 -11.66 21.43 4.16
C LEU B 172 -11.43 21.82 2.69
N ASN B 173 -12.51 22.00 1.95
CA ASN B 173 -12.40 22.38 0.54
C ASN B 173 -11.66 23.69 0.37
N GLU B 174 -12.10 24.73 1.06
CA GLU B 174 -11.46 26.02 0.86
C GLU B 174 -10.06 26.02 1.50
N LYS B 175 -9.82 25.19 2.51
CA LYS B 175 -8.44 25.05 2.99
C LYS B 175 -7.55 24.53 1.87
N LEU B 176 -8.04 23.51 1.16
CA LEU B 176 -7.32 22.96 0.02
C LEU B 176 -7.00 24.05 -0.99
N VAL B 177 -8.02 24.82 -1.31
CA VAL B 177 -7.91 25.82 -2.36
C VAL B 177 -6.91 26.91 -1.98
N LYS B 178 -7.18 27.58 -0.87
CA LYS B 178 -6.33 28.66 -0.39
C LYS B 178 -4.87 28.20 -0.24
N GLU B 179 -4.68 27.02 0.35
CA GLU B 179 -3.33 26.52 0.59
C GLU B 179 -2.67 26.05 -0.68
N THR B 180 -3.42 25.97 -1.77
CA THR B 180 -2.80 25.62 -3.04
C THR B 180 -2.40 26.86 -3.85
N ILE B 181 -3.27 27.86 -3.88
CA ILE B 181 -2.92 29.04 -4.67
C ILE B 181 -1.93 29.94 -3.95
N GLU B 182 -2.08 30.13 -2.65
CA GLU B 182 -1.15 30.99 -1.92
C GLU B 182 0.27 30.41 -1.98
N LEU B 183 0.36 29.11 -2.23
CA LEU B 183 1.66 28.46 -2.31
C LEU B 183 2.23 28.56 -3.72
N ALA B 184 1.43 28.16 -4.72
CA ALA B 184 1.88 28.20 -6.11
C ALA B 184 2.30 29.62 -6.47
N GLU B 185 1.52 30.56 -5.95
CA GLU B 185 1.78 32.00 -6.03
C GLU B 185 3.19 32.35 -5.63
N GLN B 186 3.67 31.77 -4.53
CA GLN B 186 4.97 32.14 -4.01
C GLN B 186 6.09 31.36 -4.67
N VAL B 187 5.77 30.20 -5.24
CA VAL B 187 6.83 29.41 -5.84
C VAL B 187 6.96 29.69 -7.34
N ASN B 188 6.06 29.17 -8.17
CA ASN B 188 6.31 29.19 -9.60
C ASN B 188 5.19 29.76 -10.45
N HIS B 189 4.26 30.47 -9.82
CA HIS B 189 3.14 31.09 -10.52
C HIS B 189 2.36 30.08 -11.37
N THR B 190 2.43 28.81 -11.00
CA THR B 190 1.73 27.77 -11.74
C THR B 190 0.22 28.02 -11.75
N GLU B 191 -0.47 27.27 -12.58
CA GLU B 191 -1.90 27.40 -12.80
C GLU B 191 -2.70 26.37 -12.02
N VAL B 192 -3.50 26.86 -11.07
CA VAL B 192 -4.24 25.99 -10.19
C VAL B 192 -5.66 25.75 -10.71
N HIS B 193 -5.94 24.50 -11.08
CA HIS B 193 -7.26 24.09 -11.55
C HIS B 193 -8.05 23.40 -10.45
N LEU B 194 -9.37 23.50 -10.53
CA LEU B 194 -10.26 22.86 -9.56
C LEU B 194 -11.20 21.88 -10.26
N VAL B 195 -11.26 20.66 -9.76
CA VAL B 195 -12.08 19.63 -10.37
C VAL B 195 -13.13 19.09 -9.42
N GLY B 196 -14.35 18.92 -9.93
CA GLY B 196 -15.38 18.19 -9.24
C GLY B 196 -15.67 16.92 -10.02
N ALA B 197 -16.22 15.94 -9.32
CA ALA B 197 -16.60 14.68 -9.93
C ALA B 197 -17.95 14.25 -9.38
N TYR B 198 -18.84 13.89 -10.31
CA TYR B 198 -20.19 13.53 -9.97
C TYR B 198 -20.51 12.19 -10.63
N PRO B 199 -21.30 11.34 -9.94
CA PRO B 199 -21.56 9.97 -10.40
C PRO B 199 -22.72 9.80 -11.38
N GLU B 211 -42.66 7.08 -9.63
CA GLU B 211 -42.02 8.39 -9.79
C GLU B 211 -40.70 8.18 -10.53
N PHE B 212 -40.27 6.91 -10.57
CA PHE B 212 -38.90 6.53 -10.98
C PHE B 212 -38.41 7.35 -12.17
N ASP B 213 -37.26 7.97 -12.02
CA ASP B 213 -36.65 8.78 -13.07
C ASP B 213 -35.25 9.20 -12.68
N PRO B 214 -34.24 8.64 -13.36
CA PRO B 214 -32.82 8.92 -13.20
C PRO B 214 -32.38 10.19 -13.93
N SER B 215 -33.09 10.48 -15.01
CA SER B 215 -32.72 11.56 -15.92
C SER B 215 -32.77 12.90 -15.22
N VAL B 216 -33.63 13.00 -14.21
CA VAL B 216 -33.70 14.19 -13.39
C VAL B 216 -32.59 14.19 -12.35
N TYR B 217 -32.28 13.01 -11.82
CA TYR B 217 -31.25 12.85 -10.79
C TYR B 217 -29.87 13.31 -11.28
N ASN B 218 -29.54 12.95 -12.51
CA ASN B 218 -28.26 13.33 -13.09
C ASN B 218 -28.09 14.84 -13.13
N ASP B 219 -29.11 15.51 -13.66
CA ASP B 219 -29.07 16.95 -13.85
C ASP B 219 -29.41 17.68 -12.56
N ALA B 220 -29.76 16.91 -11.53
CA ALA B 220 -29.92 17.49 -10.21
C ALA B 220 -28.56 17.56 -9.52
N ILE B 221 -27.82 16.45 -9.55
CA ILE B 221 -26.44 16.45 -9.08
C ILE B 221 -25.54 17.42 -9.85
N ARG B 222 -25.69 17.49 -11.16
CA ARG B 222 -24.74 18.30 -11.93
C ARG B 222 -25.11 19.77 -11.78
N GLY B 223 -26.41 20.00 -11.61
CA GLY B 223 -26.95 21.29 -11.23
C GLY B 223 -26.35 21.69 -9.89
N GLN B 224 -26.10 20.70 -9.05
CA GLN B 224 -25.47 20.96 -7.76
C GLN B 224 -23.99 21.30 -7.88
N HIS B 225 -23.26 20.51 -8.63
CA HIS B 225 -21.84 20.75 -8.77
C HIS B 225 -21.52 22.12 -9.36
N LEU B 226 -22.16 22.49 -10.48
CA LEU B 226 -21.90 23.81 -11.03
C LEU B 226 -22.19 24.90 -9.98
N LEU B 227 -23.25 24.69 -9.18
CA LEU B 227 -23.51 25.53 -7.99
C LEU B 227 -22.27 25.72 -7.16
N ALA B 228 -21.86 24.63 -6.51
CA ALA B 228 -20.82 24.69 -5.51
C ALA B 228 -19.49 25.17 -6.08
N MET B 229 -19.18 24.74 -7.30
CA MET B 229 -17.95 25.15 -7.96
C MET B 229 -17.95 26.67 -8.17
N LYS B 230 -19.10 27.23 -8.54
CA LYS B 230 -19.13 28.66 -8.79
C LYS B 230 -19.21 29.42 -7.46
N ALA B 231 -19.59 28.70 -6.40
CA ALA B 231 -19.57 29.28 -5.07
C ALA B 231 -18.14 29.40 -4.53
N LEU B 232 -17.33 28.37 -4.81
CA LEU B 232 -15.93 28.37 -4.43
C LEU B 232 -15.07 29.34 -5.23
N ARG B 233 -15.11 29.20 -6.55
CA ARG B 233 -14.19 29.88 -7.44
C ARG B 233 -14.04 31.41 -7.28
N GLN B 234 -15.15 32.11 -7.05
CA GLN B 234 -15.11 33.58 -7.05
C GLN B 234 -14.78 34.19 -5.69
N LYS B 235 -14.68 33.35 -4.67
CA LYS B 235 -14.12 33.76 -3.39
C LYS B 235 -12.60 33.72 -3.53
N PHE B 236 -12.14 32.92 -4.47
CA PHE B 236 -10.71 32.75 -4.70
C PHE B 236 -10.33 33.39 -6.03
N GLY B 237 -11.27 34.11 -6.63
CA GLY B 237 -10.99 34.93 -7.79
C GLY B 237 -10.43 34.19 -8.99
N ILE B 238 -10.74 32.91 -9.10
CA ILE B 238 -10.26 32.11 -10.23
C ILE B 238 -11.24 32.20 -11.41
N ASN B 239 -10.77 31.82 -12.60
CA ASN B 239 -11.54 32.01 -13.81
C ASN B 239 -12.31 30.73 -14.10
N GLU B 240 -13.50 30.85 -14.68
CA GLU B 240 -14.26 29.66 -15.05
C GLU B 240 -13.46 28.82 -16.05
N ASN B 241 -12.51 29.46 -16.71
CA ASN B 241 -11.59 28.81 -17.64
C ASN B 241 -10.75 27.72 -16.97
N MET B 242 -10.64 27.79 -15.65
CA MET B 242 -9.84 26.82 -14.89
C MET B 242 -10.66 26.02 -13.90
N THR B 243 -11.96 26.03 -14.06
CA THR B 243 -12.81 25.14 -13.28
C THR B 243 -13.38 24.03 -14.15
N HIS B 244 -13.38 22.82 -13.61
CA HIS B 244 -13.85 21.63 -14.32
C HIS B 244 -14.74 20.79 -13.45
N VAL B 245 -15.86 20.35 -14.01
CA VAL B 245 -16.74 19.43 -13.31
C VAL B 245 -17.15 18.28 -14.22
N GLU B 246 -16.76 17.04 -13.88
CA GLU B 246 -16.98 15.93 -14.81
C GLU B 246 -17.86 14.85 -14.17
N LYS B 247 -18.50 13.99 -14.98
CA LYS B 247 -19.20 12.83 -14.40
C LYS B 247 -18.47 11.54 -14.71
N GLY B 248 -18.72 10.54 -13.88
CA GLY B 248 -17.97 9.31 -13.89
C GLY B 248 -17.48 9.11 -12.47
N LEU B 249 -16.51 8.22 -12.29
CA LEU B 249 -15.93 7.98 -10.97
C LEU B 249 -14.64 8.76 -10.80
N PRO B 250 -14.51 9.49 -9.69
CA PRO B 250 -13.32 10.30 -9.38
C PRO B 250 -12.04 9.48 -9.53
N GLU B 251 -12.13 8.21 -9.19
CA GLU B 251 -11.01 7.28 -9.27
C GLU B 251 -10.67 6.95 -10.72
N GLU B 252 -11.43 7.52 -11.64
CA GLU B 252 -11.18 7.38 -13.06
C GLU B 252 -11.19 8.78 -13.68
N VAL B 253 -12.02 9.64 -13.11
CA VAL B 253 -12.18 11.01 -13.59
C VAL B 253 -10.90 11.84 -13.43
N ILE B 254 -10.28 11.79 -12.27
CA ILE B 254 -9.18 12.72 -11.98
C ILE B 254 -7.86 12.43 -12.71
N PRO B 255 -7.46 11.15 -12.86
CA PRO B 255 -6.20 10.95 -13.58
C PRO B 255 -6.24 11.35 -15.07
N ASP B 256 -7.33 11.02 -15.77
CA ASP B 256 -7.41 11.33 -17.20
C ASP B 256 -7.35 12.83 -17.41
N LEU B 257 -8.07 13.57 -16.58
CA LEU B 257 -8.03 15.02 -16.62
C LEU B 257 -6.63 15.53 -16.33
N ALA B 258 -6.04 15.04 -15.24
CA ALA B 258 -4.73 15.49 -14.80
C ALA B 258 -3.68 15.32 -15.88
N GLU B 259 -3.75 14.22 -16.63
CA GLU B 259 -2.77 14.01 -17.68
C GLU B 259 -3.11 14.84 -18.90
N HIS B 260 -4.40 15.00 -19.15
CA HIS B 260 -4.84 15.85 -20.24
C HIS B 260 -4.60 17.32 -19.94
N LEU B 261 -4.58 17.67 -18.66
CA LEU B 261 -4.42 19.06 -18.23
C LEU B 261 -2.97 19.53 -18.10
N GLN B 262 -2.01 18.60 -18.22
CA GLN B 262 -0.57 18.84 -18.01
C GLN B 262 -0.24 18.99 -16.53
N ALA B 263 -1.09 18.42 -15.68
CA ALA B 263 -0.91 18.53 -14.23
C ALA B 263 0.37 17.86 -13.76
N GLY B 264 1.10 18.54 -12.88
CA GLY B 264 2.28 17.96 -12.27
C GLY B 264 2.01 17.50 -10.86
N ILE B 265 1.01 18.12 -10.22
CA ILE B 265 0.63 17.73 -8.87
C ILE B 265 -0.88 17.84 -8.65
N VAL B 266 -1.38 17.04 -7.71
CA VAL B 266 -2.79 17.13 -7.33
C VAL B 266 -2.95 17.18 -5.81
N VAL B 267 -3.75 18.14 -5.36
CA VAL B 267 -4.05 18.35 -3.96
C VAL B 267 -5.34 17.67 -3.59
N LEU B 268 -5.30 16.90 -2.51
CA LEU B 268 -6.42 16.10 -2.06
C LEU B 268 -6.86 16.49 -0.65
N GLY B 269 -8.15 16.33 -0.38
CA GLY B 269 -8.67 16.66 0.94
C GLY B 269 -9.30 15.44 1.57
N THR B 270 -8.83 15.13 2.78
CA THR B 270 -9.26 13.95 3.50
C THR B 270 -9.54 14.23 4.97
N VAL B 271 -10.58 13.61 5.51
CA VAL B 271 -10.81 13.67 6.94
C VAL B 271 -10.88 12.24 7.48
N GLY B 272 -10.39 12.04 8.70
CA GLY B 272 -10.25 10.72 9.28
C GLY B 272 -11.53 9.94 9.50
N ARG B 273 -12.36 10.43 10.42
CA ARG B 273 -13.58 9.71 10.79
C ARG B 273 -14.82 10.55 10.52
N PHE B 280 -9.55 6.45 9.11
CA PHE B 280 -8.57 6.77 8.09
C PHE B 280 -9.26 7.26 6.81
N LEU B 281 -8.50 7.31 5.71
CA LEU B 281 -9.03 7.80 4.44
C LEU B 281 -9.94 6.78 3.75
N GLY B 282 -11.07 7.26 3.25
CA GLY B 282 -12.02 6.42 2.55
C GLY B 282 -11.47 5.79 1.30
N ASN B 283 -12.02 4.63 0.93
CA ASN B 283 -11.65 3.94 -0.30
C ASN B 283 -11.91 4.84 -1.50
N THR B 284 -12.95 5.67 -1.35
CA THR B 284 -13.34 6.67 -2.33
C THR B 284 -12.17 7.45 -2.91
N ALA B 285 -11.26 7.88 -2.04
CA ALA B 285 -10.11 8.66 -2.45
C ALA B 285 -8.86 7.80 -2.57
N GLU B 286 -8.84 6.69 -1.84
CA GLU B 286 -7.71 5.78 -1.90
C GLU B 286 -7.52 5.26 -3.32
N GLN B 287 -8.63 4.90 -3.94
CA GLN B 287 -8.57 4.45 -5.32
C GLN B 287 -8.10 5.58 -6.23
N VAL B 288 -8.52 6.80 -5.91
CA VAL B 288 -8.07 7.97 -6.67
C VAL B 288 -6.55 8.08 -6.61
N ILE B 289 -6.00 7.82 -5.42
CA ILE B 289 -4.56 7.92 -5.22
C ILE B 289 -3.74 6.84 -5.93
N ASP B 290 -4.20 5.60 -5.91
CA ASP B 290 -3.41 4.48 -6.45
C ASP B 290 -3.17 4.48 -7.98
N HIS B 291 -4.06 5.19 -8.66
CA HIS B 291 -4.27 5.30 -10.11
C HIS B 291 -3.75 6.58 -10.72
N LEU B 292 -3.07 7.39 -9.91
CA LEU B 292 -2.57 8.65 -10.42
C LEU B 292 -1.11 8.58 -10.84
N ARG B 293 -0.73 9.53 -11.70
CA ARG B 293 0.56 9.52 -12.36
C ARG B 293 1.35 10.83 -12.17
N CYS B 294 1.02 11.61 -11.15
CA CYS B 294 1.73 12.86 -10.89
C CYS B 294 2.02 12.98 -9.39
N ASP B 295 2.61 14.10 -8.99
CA ASP B 295 2.89 14.33 -7.58
C ASP B 295 1.59 14.44 -6.78
N LEU B 296 1.66 14.11 -5.50
CA LEU B 296 0.47 14.05 -4.66
C LEU B 296 0.61 14.92 -3.43
N LEU B 297 -0.45 15.63 -3.05
CA LEU B 297 -0.42 16.44 -1.83
C LEU B 297 -1.67 16.22 -1.00
N VAL B 298 -1.61 15.32 -0.02
CA VAL B 298 -2.76 15.06 0.86
C VAL B 298 -2.81 16.06 2.01
N ILE B 299 -3.97 16.68 2.18
CA ILE B 299 -4.18 17.67 3.25
C ILE B 299 -5.27 17.33 4.28
N LYS B 300 -4.87 17.20 5.54
CA LYS B 300 -5.79 17.00 6.65
C LYS B 300 -6.48 18.34 6.98
N PRO B 301 -7.70 18.26 7.45
CA PRO B 301 -8.51 19.41 7.71
C PRO B 301 -7.90 20.29 8.76
N ASP B 302 -7.33 19.72 9.79
CA ASP B 302 -6.75 20.52 10.84
C ASP B 302 -7.80 21.16 11.68
N GLN B 303 -7.81 20.80 12.94
CA GLN B 303 -6.87 19.76 13.34
C GLN B 303 -7.48 18.37 13.24
N TYR B 304 -6.59 17.45 12.89
CA TYR B 304 -6.90 16.06 12.63
C TYR B 304 -6.01 15.45 13.70
N GLN B 305 -6.46 14.41 14.38
CA GLN B 305 -5.66 13.90 15.49
C GLN B 305 -5.21 12.49 15.18
N THR B 306 -3.91 12.27 15.26
CA THR B 306 -3.36 10.98 14.88
C THR B 306 -3.31 10.12 16.14
N PRO B 307 -3.69 8.84 15.99
CA PRO B 307 -3.69 7.89 17.10
C PRO B 307 -2.28 7.44 17.48
#